data_9J1V
#
_entry.id   9J1V
#
_cell.length_a   107.984
_cell.length_b   107.984
_cell.length_c   44.782
_cell.angle_alpha   90.000
_cell.angle_beta   90.000
_cell.angle_gamma   120.000
#
_symmetry.space_group_name_H-M   'P 63'
#
loop_
_entity.id
_entity.type
_entity.pdbx_description
1 polymer 'Alpha/beta hydrolase fold-3 domain-containing protein'
2 non-polymer '2-methoxycarbonylbenzoic acid'
3 non-polymer 1,2-ETHANEDIOL
4 water water
#
_entity_poly.entity_id   1
_entity_poly.type   'polypeptide(L)'
_entity_poly.pdbx_seq_one_letter_code
;HHHHHHMPLDPRVEQFLAQMPPLNREGLSLAEARQQFKQGALLLDQMVPPPPVDTEDGTVVTTHGPVRIRRYIPDRLRFS
HPLVFYHGGGFVFGDIDTHHGLVARLCQTVGATVISVDYSLAPEAKFPVPVAECIDVARWAAHEAPGWGLKPSIVVAGDS
AGGNLAAVVSQRAKDESLPIAAQLLFYPALDMVHETPSKRDFARGYLLEADAMQWFGEQYLRTPDDVSHPWASPALSPDL
TGLPPALVITAEYDPLRDEGEAYAEALRAAGVPTEQIRFDGMIHGFMTMPIFPQMEAAIEAVARFLERID
;
_entity_poly.pdbx_strand_id   A
#
loop_
_chem_comp.id
_chem_comp.type
_chem_comp.name
_chem_comp.formula
EDO non-polymer 1,2-ETHANEDIOL 'C2 H6 O2'
R3O non-polymer '2-methoxycarbonylbenzoic acid' 'C9 H8 O4'
#
# COMPACT_ATOMS: atom_id res chain seq x y z
N MET A 7 9.01 -4.98 21.63
CA MET A 7 8.84 -6.45 21.41
C MET A 7 7.59 -6.93 22.18
N PRO A 8 7.39 -6.58 23.49
CA PRO A 8 6.05 -6.58 24.08
C PRO A 8 5.16 -5.72 23.17
N LEU A 9 3.86 -5.90 23.27
CA LEU A 9 2.92 -5.08 22.49
C LEU A 9 3.05 -3.60 22.91
N ASP A 10 3.18 -2.69 21.92
CA ASP A 10 3.32 -1.28 22.22
C ASP A 10 2.22 -0.86 23.21
N PRO A 11 2.55 -0.09 24.27
CA PRO A 11 1.55 0.36 25.25
C PRO A 11 0.31 1.03 24.65
N ARG A 12 0.53 1.96 23.71
CA ARG A 12 -0.57 2.68 23.09
C ARG A 12 -1.43 1.74 22.22
N VAL A 13 -0.79 0.77 21.53
CA VAL A 13 -1.49 -0.22 20.71
C VAL A 13 -2.40 -1.07 21.60
N GLU A 14 -1.84 -1.51 22.71
CA GLU A 14 -2.57 -2.29 23.71
C GLU A 14 -3.83 -1.54 24.13
N GLN A 15 -3.65 -0.26 24.49
CA GLN A 15 -4.76 0.57 24.93
C GLN A 15 -5.81 0.67 23.85
N PHE A 16 -5.39 0.78 22.58
CA PHE A 16 -6.28 0.93 21.43
C PHE A 16 -7.10 -0.34 21.21
N LEU A 17 -6.43 -1.49 21.18
CA LEU A 17 -7.11 -2.77 21.03
C LEU A 17 -8.12 -2.96 22.15
N ALA A 18 -7.81 -2.55 23.37
CA ALA A 18 -8.73 -2.71 24.50
C ALA A 18 -9.99 -1.86 24.32
N GLN A 19 -9.90 -0.85 23.45
CA GLN A 19 -11.02 -0.04 22.97
C GLN A 19 -11.47 0.91 24.07
N SER A 29 -24.42 -4.49 6.78
CA SER A 29 -24.44 -4.31 5.28
C SER A 29 -23.14 -3.69 4.73
N LEU A 30 -22.88 -3.94 3.44
CA LEU A 30 -21.63 -3.52 2.76
C LEU A 30 -21.47 -1.99 2.77
N ALA A 31 -22.52 -1.25 2.42
CA ALA A 31 -22.53 0.22 2.51
C ALA A 31 -22.25 0.67 3.94
N GLU A 32 -22.95 0.07 4.91
CA GLU A 32 -22.78 0.47 6.30
C GLU A 32 -21.36 0.19 6.80
N ALA A 33 -20.77 -0.95 6.42
CA ALA A 33 -19.41 -1.31 6.84
C ALA A 33 -18.35 -0.38 6.24
N ARG A 34 -18.51 0.01 4.97
CA ARG A 34 -17.61 0.95 4.33
C ARG A 34 -17.67 2.30 5.05
N GLN A 35 -18.91 2.68 5.44
CA GLN A 35 -19.11 3.95 6.09
C GLN A 35 -18.46 3.93 7.48
N GLN A 36 -18.65 2.80 8.17
CA GLN A 36 -18.10 2.67 9.52
C GLN A 36 -16.58 2.70 9.46
N PHE A 37 -16.00 2.00 8.47
CA PHE A 37 -14.56 2.05 8.26
C PHE A 37 -14.15 3.52 8.03
N LYS A 38 -14.85 4.22 7.15
CA LYS A 38 -14.52 5.59 6.86
C LYS A 38 -14.66 6.46 8.12
N GLN A 39 -15.68 6.22 8.94
CA GLN A 39 -15.85 7.00 10.18
C GLN A 39 -14.68 6.78 11.14
N GLY A 40 -14.21 5.52 11.23
CA GLY A 40 -13.03 5.23 12.03
C GLY A 40 -11.81 6.04 11.61
N ALA A 41 -11.59 6.09 10.30
CA ALA A 41 -10.42 6.77 9.73
C ALA A 41 -10.50 8.25 10.05
N LEU A 42 -11.68 8.85 9.94
CA LEU A 42 -11.89 10.26 10.22
C LEU A 42 -11.62 10.57 11.71
N LEU A 43 -12.13 9.71 12.62
CA LEU A 43 -11.93 9.84 14.06
C LEU A 43 -10.44 10.04 14.39
N LEU A 44 -9.62 9.14 13.86
CA LEU A 44 -8.18 9.17 14.10
C LEU A 44 -7.54 10.43 13.51
N ASP A 45 -8.03 10.90 12.36
CA ASP A 45 -7.45 12.11 11.79
C ASP A 45 -7.91 13.31 12.60
N GLN A 46 -9.11 13.23 13.15
CA GLN A 46 -9.58 14.29 14.03
C GLN A 46 -8.74 14.31 15.30
N MET A 47 -8.32 13.15 15.79
CA MET A 47 -7.50 13.13 16.98
C MET A 47 -6.11 13.70 16.68
N VAL A 48 -5.51 13.34 15.56
CA VAL A 48 -4.14 13.75 15.22
C VAL A 48 -4.12 14.31 13.81
N PRO A 49 -4.51 15.59 13.68
CA PRO A 49 -4.75 16.20 12.39
C PRO A 49 -3.55 16.10 11.46
N PRO A 50 -3.81 15.97 10.13
CA PRO A 50 -2.74 15.85 9.13
C PRO A 50 -2.15 17.22 8.81
N PRO A 51 -0.94 17.29 8.21
CA PRO A 51 -0.37 18.56 7.77
C PRO A 51 -1.23 19.11 6.63
N PRO A 52 -1.42 20.45 6.57
CA PRO A 52 -1.99 21.08 5.39
C PRO A 52 -1.15 20.69 4.16
N VAL A 53 -1.86 20.51 3.03
CA VAL A 53 -1.19 20.11 1.78
C VAL A 53 -2.08 20.52 0.61
N ASP A 54 -1.47 21.07 -0.44
CA ASP A 54 -2.17 21.42 -1.65
C ASP A 54 -2.53 20.13 -2.38
N THR A 55 -3.78 20.04 -2.89
CA THR A 55 -4.21 18.88 -3.65
C THR A 55 -5.06 19.31 -4.86
N GLU A 56 -5.10 18.45 -5.86
CA GLU A 56 -5.89 18.60 -7.06
C GLU A 56 -6.56 17.26 -7.33
N ASP A 57 -7.87 17.24 -7.51
CA ASP A 57 -8.56 16.03 -7.91
C ASP A 57 -8.51 15.88 -9.42
N GLY A 58 -8.65 14.67 -9.88
CA GLY A 58 -8.78 14.42 -11.29
C GLY A 58 -9.27 12.98 -11.53
N THR A 59 -9.36 12.63 -12.81
CA THR A 59 -9.86 11.33 -13.23
C THR A 59 -8.90 10.81 -14.29
N VAL A 60 -8.42 9.56 -14.13
CA VAL A 60 -7.63 8.89 -15.17
C VAL A 60 -8.52 7.91 -15.95
N VAL A 61 -8.34 7.90 -17.30
CA VAL A 61 -9.09 7.00 -18.17
C VAL A 61 -8.34 5.68 -18.23
N THR A 62 -8.90 4.64 -17.65
CA THR A 62 -8.21 3.34 -17.64
C THR A 62 -8.97 2.40 -18.58
N THR A 63 -8.40 1.21 -18.77
CA THR A 63 -8.97 0.16 -19.58
C THR A 63 -10.24 -0.40 -18.94
N HIS A 64 -10.50 -0.05 -17.67
CA HIS A 64 -11.72 -0.50 -17.02
C HIS A 64 -12.56 0.69 -16.62
N GLY A 65 -12.28 1.86 -17.19
CA GLY A 65 -13.14 3.00 -16.94
C GLY A 65 -12.39 4.08 -16.20
N PRO A 66 -13.09 5.17 -15.82
CA PRO A 66 -12.48 6.31 -15.15
C PRO A 66 -12.15 5.93 -13.71
N VAL A 67 -10.99 6.35 -13.28
CA VAL A 67 -10.49 6.08 -11.93
C VAL A 67 -10.11 7.44 -11.30
N ARG A 68 -10.80 7.80 -10.20
CA ARG A 68 -10.59 9.03 -9.50
C ARG A 68 -9.21 8.98 -8.80
N ILE A 69 -8.47 10.09 -8.94
CA ILE A 69 -7.20 10.28 -8.31
C ILE A 69 -7.19 11.64 -7.58
N ARG A 70 -6.22 11.74 -6.66
CA ARG A 70 -5.92 13.01 -6.01
C ARG A 70 -4.41 13.19 -5.98
N ARG A 71 -3.95 14.27 -6.61
CA ARG A 71 -2.56 14.64 -6.61
C ARG A 71 -2.27 15.55 -5.40
N TYR A 72 -1.23 15.15 -4.65
CA TYR A 72 -0.69 15.92 -3.53
C TYR A 72 0.57 16.62 -4.00
N ILE A 73 0.66 17.96 -3.76
CA ILE A 73 1.79 18.81 -4.12
C ILE A 73 2.48 19.25 -2.82
N PRO A 74 3.77 18.89 -2.64
CA PRO A 74 4.49 19.28 -1.41
C PRO A 74 4.78 20.79 -1.37
N ASP A 75 4.95 21.32 -0.15
CA ASP A 75 5.30 22.72 0.00
C ASP A 75 6.59 22.98 -0.75
N ARG A 76 7.52 22.05 -0.61
CA ARG A 76 8.80 22.12 -1.29
C ARG A 76 9.15 20.75 -1.86
N LEU A 77 9.29 20.71 -3.18
CA LEU A 77 9.61 19.51 -3.93
C LEU A 77 11.06 19.10 -3.71
N ARG A 78 11.31 17.89 -3.22
CA ARG A 78 12.70 17.48 -2.96
C ARG A 78 13.01 16.12 -3.55
N PHE A 79 12.01 15.46 -4.14
CA PHE A 79 12.19 14.13 -4.68
C PHE A 79 11.76 14.11 -6.13
N SER A 80 12.57 13.46 -6.98
CA SER A 80 12.48 13.74 -8.41
C SER A 80 11.57 12.73 -9.14
N HIS A 81 10.87 11.88 -8.41
CA HIS A 81 9.93 10.96 -9.03
C HIS A 81 8.57 11.14 -8.41
N PRO A 82 7.48 11.02 -9.20
CA PRO A 82 6.16 10.95 -8.59
C PRO A 82 5.98 9.61 -7.90
N LEU A 83 5.24 9.67 -6.80
CA LEU A 83 4.74 8.50 -6.08
C LEU A 83 3.31 8.27 -6.54
N VAL A 84 2.99 7.01 -6.83
CA VAL A 84 1.63 6.55 -7.04
C VAL A 84 1.27 5.58 -5.90
N PHE A 85 0.22 5.97 -5.16
CA PHE A 85 -0.15 5.33 -3.89
C PHE A 85 -1.51 4.67 -4.05
N TYR A 86 -1.58 3.41 -3.67
CA TYR A 86 -2.78 2.58 -3.73
C TYR A 86 -3.20 2.22 -2.28
N HIS A 87 -4.38 2.70 -1.84
CA HIS A 87 -4.85 2.51 -0.48
C HIS A 87 -5.20 1.04 -0.23
N GLY A 88 -5.10 0.65 1.03
CA GLY A 88 -5.50 -0.66 1.50
C GLY A 88 -6.97 -0.66 1.89
N GLY A 89 -7.40 -1.79 2.49
CA GLY A 89 -8.80 -2.00 2.85
C GLY A 89 -9.38 -3.29 2.32
N GLY A 90 -8.50 -4.29 2.11
CA GLY A 90 -8.92 -5.62 1.71
C GLY A 90 -9.52 -5.72 0.32
N PHE A 91 -9.37 -4.68 -0.52
CA PHE A 91 -9.91 -4.54 -1.86
C PHE A 91 -11.40 -4.18 -1.84
N VAL A 92 -11.95 -3.98 -0.64
CA VAL A 92 -13.39 -3.79 -0.43
C VAL A 92 -13.68 -2.41 0.19
N PHE A 93 -12.77 -1.97 1.08
CA PHE A 93 -12.95 -0.76 1.84
C PHE A 93 -11.88 0.28 1.47
N GLY A 94 -12.07 1.49 1.96
CA GLY A 94 -11.07 2.54 1.87
C GLY A 94 -11.29 3.46 0.68
N ASP A 95 -10.69 4.65 0.75
CA ASP A 95 -10.70 5.57 -0.36
C ASP A 95 -9.58 6.61 -0.14
N ILE A 96 -9.46 7.59 -1.04
CA ILE A 96 -8.50 8.68 -0.93
C ILE A 96 -8.60 9.35 0.46
N ASP A 97 -9.83 9.50 0.99
CA ASP A 97 -10.02 10.19 2.26
C ASP A 97 -9.55 9.34 3.43
N THR A 98 -9.77 8.02 3.40
CA THR A 98 -9.36 7.18 4.53
C THR A 98 -7.83 7.19 4.64
N HIS A 99 -7.10 7.39 3.54
CA HIS A 99 -5.65 7.28 3.49
C HIS A 99 -4.98 8.66 3.45
N HIS A 100 -5.80 9.72 3.50
CA HIS A 100 -5.29 11.09 3.42
C HIS A 100 -4.24 11.36 4.49
N GLY A 101 -4.43 10.87 5.72
CA GLY A 101 -3.53 11.13 6.85
C GLY A 101 -2.10 10.64 6.54
N LEU A 102 -2.05 9.45 5.91
CA LEU A 102 -0.77 8.88 5.47
C LEU A 102 -0.22 9.64 4.25
N VAL A 103 -1.05 9.89 3.24
CA VAL A 103 -0.55 10.36 1.99
C VAL A 103 -0.05 11.82 2.13
N ALA A 104 -0.79 12.63 2.89
CA ALA A 104 -0.39 14.00 3.16
C ALA A 104 0.99 14.06 3.82
N ARG A 105 1.25 13.18 4.78
CA ARG A 105 2.55 13.18 5.45
C ARG A 105 3.63 12.65 4.53
N LEU A 106 3.32 11.62 3.71
CA LEU A 106 4.29 11.14 2.73
C LEU A 106 4.71 12.28 1.80
N CYS A 107 3.71 13.01 1.27
CA CYS A 107 3.93 14.15 0.39
C CYS A 107 4.81 15.21 1.04
N GLN A 108 4.44 15.66 2.25
CA GLN A 108 5.16 16.77 2.88
C GLN A 108 6.49 16.29 3.45
N THR A 109 6.60 15.05 3.95
CA THR A 109 7.85 14.61 4.61
C THR A 109 8.89 14.20 3.56
N VAL A 110 8.46 13.48 2.53
CA VAL A 110 9.39 13.13 1.45
C VAL A 110 9.68 14.37 0.57
N GLY A 111 8.71 15.28 0.48
CA GLY A 111 8.76 16.35 -0.53
C GLY A 111 8.57 15.80 -1.95
N ALA A 112 7.51 14.99 -2.13
CA ALA A 112 7.19 14.25 -3.35
C ALA A 112 5.79 14.62 -3.78
N THR A 113 5.54 14.71 -5.07
CA THR A 113 4.18 14.70 -5.57
CA THR A 113 4.18 14.69 -5.57
C THR A 113 3.68 13.27 -5.43
N VAL A 114 2.44 13.14 -4.94
CA VAL A 114 1.88 11.82 -4.68
C VAL A 114 0.53 11.76 -5.39
N ILE A 115 0.34 10.70 -6.21
CA ILE A 115 -0.96 10.37 -6.80
C ILE A 115 -1.63 9.28 -5.96
N SER A 116 -2.68 9.70 -5.22
CA SER A 116 -3.49 8.77 -4.46
C SER A 116 -4.62 8.25 -5.34
N VAL A 117 -4.80 6.92 -5.39
CA VAL A 117 -5.67 6.31 -6.40
C VAL A 117 -6.90 5.66 -5.74
N ASP A 118 -8.11 5.95 -6.28
CA ASP A 118 -9.36 5.27 -5.93
C ASP A 118 -9.69 4.19 -6.98
N TYR A 119 -8.97 3.07 -6.93
CA TYR A 119 -9.27 1.95 -7.81
C TYR A 119 -10.66 1.36 -7.46
N SER A 120 -11.21 0.56 -8.41
CA SER A 120 -12.53 -0.01 -8.25
C SER A 120 -12.51 -1.05 -7.14
N LEU A 121 -13.51 -0.99 -6.23
CA LEU A 121 -13.56 -1.88 -5.08
C LEU A 121 -14.41 -3.10 -5.39
N ALA A 122 -14.05 -4.19 -4.73
CA ALA A 122 -14.82 -5.42 -4.70
C ALA A 122 -15.93 -5.36 -3.65
N PRO A 123 -17.03 -6.13 -3.75
CA PRO A 123 -17.24 -7.15 -4.81
C PRO A 123 -17.75 -6.62 -6.15
N GLU A 124 -18.04 -5.30 -6.20
CA GLU A 124 -18.63 -4.71 -7.42
C GLU A 124 -17.70 -4.92 -8.60
N ALA A 125 -16.38 -4.72 -8.40
CA ALA A 125 -15.36 -5.08 -9.37
C ALA A 125 -14.55 -6.22 -8.79
N LYS A 126 -14.12 -7.18 -9.64
CA LYS A 126 -13.45 -8.36 -9.15
C LYS A 126 -12.04 -8.47 -9.72
N PHE A 127 -11.17 -9.16 -8.99
CA PHE A 127 -9.89 -9.51 -9.52
C PHE A 127 -10.05 -9.92 -10.99
N PRO A 128 -9.18 -9.46 -11.94
CA PRO A 128 -8.05 -8.56 -11.66
C PRO A 128 -8.22 -7.10 -12.04
N VAL A 129 -9.45 -6.62 -11.98
CA VAL A 129 -9.78 -5.30 -12.46
C VAL A 129 -8.90 -4.24 -11.79
N PRO A 130 -8.78 -4.17 -10.44
CA PRO A 130 -7.93 -3.12 -9.85
C PRO A 130 -6.45 -3.18 -10.26
N VAL A 131 -5.96 -4.38 -10.57
CA VAL A 131 -4.56 -4.51 -10.99
C VAL A 131 -4.41 -3.76 -12.30
N ALA A 132 -5.30 -4.01 -13.27
CA ALA A 132 -5.24 -3.34 -14.55
C ALA A 132 -5.33 -1.82 -14.37
N GLU A 133 -6.29 -1.37 -13.53
CA GLU A 133 -6.45 0.05 -13.26
C GLU A 133 -5.17 0.68 -12.72
N CYS A 134 -4.56 -0.01 -11.74
CA CYS A 134 -3.38 0.49 -11.06
C CYS A 134 -2.20 0.60 -12.00
N ILE A 135 -2.09 -0.33 -12.96
CA ILE A 135 -1.06 -0.25 -14.00
C ILE A 135 -1.32 0.99 -14.86
N ASP A 136 -2.60 1.18 -15.28
CA ASP A 136 -2.96 2.25 -16.15
C ASP A 136 -2.59 3.57 -15.48
N VAL A 137 -2.83 3.67 -14.17
CA VAL A 137 -2.58 4.93 -13.49
C VAL A 137 -1.07 5.20 -13.37
N ALA A 138 -0.31 4.14 -13.03
CA ALA A 138 1.12 4.25 -13.05
C ALA A 138 1.66 4.71 -14.44
N ARG A 139 1.11 4.16 -15.55
CA ARG A 139 1.55 4.56 -16.85
C ARG A 139 1.21 6.02 -17.12
N TRP A 140 0.01 6.41 -16.72
CA TRP A 140 -0.38 7.80 -16.84
C TRP A 140 0.59 8.72 -16.09
N ALA A 141 0.96 8.33 -14.85
CA ALA A 141 1.83 9.16 -14.02
C ALA A 141 3.21 9.32 -14.68
N ALA A 142 3.75 8.21 -15.20
CA ALA A 142 5.05 8.26 -15.89
C ALA A 142 4.98 9.23 -17.07
N HIS A 143 3.90 9.22 -17.85
CA HIS A 143 3.76 10.10 -19.01
C HIS A 143 3.65 11.56 -18.55
N GLU A 144 2.98 11.85 -17.43
CA GLU A 144 2.79 13.22 -16.98
C GLU A 144 4.09 13.78 -16.40
N ALA A 145 5.00 12.89 -15.94
CA ALA A 145 6.04 13.28 -15.00
C ALA A 145 6.92 14.37 -15.58
N PRO A 146 7.38 14.27 -16.87
CA PRO A 146 8.20 15.32 -17.48
C PRO A 146 7.55 16.70 -17.48
N GLY A 147 6.21 16.77 -17.65
CA GLY A 147 5.49 18.03 -17.56
C GLY A 147 5.34 18.60 -16.15
N TRP A 148 5.56 17.75 -15.12
CA TRP A 148 5.69 18.22 -13.74
C TRP A 148 7.14 18.56 -13.38
N GLY A 149 8.07 18.39 -14.35
CA GLY A 149 9.50 18.65 -14.19
C GLY A 149 10.14 17.56 -13.33
N LEU A 150 9.65 16.32 -13.50
CA LEU A 150 10.09 15.16 -12.75
C LEU A 150 10.67 14.12 -13.70
N LYS A 151 11.34 13.14 -13.11
CA LYS A 151 11.82 12.02 -13.92
C LYS A 151 10.67 11.12 -14.32
N PRO A 152 10.76 10.48 -15.51
CA PRO A 152 9.66 9.70 -16.04
C PRO A 152 9.76 8.24 -15.61
N SER A 153 9.92 8.04 -14.33
CA SER A 153 9.94 6.76 -13.65
C SER A 153 9.30 7.00 -12.29
N ILE A 154 8.39 6.11 -11.90
CA ILE A 154 7.53 6.33 -10.74
C ILE A 154 7.92 5.43 -9.56
N VAL A 155 7.48 5.85 -8.35
CA VAL A 155 7.55 5.06 -7.17
C VAL A 155 6.14 4.60 -6.82
N VAL A 156 5.92 3.30 -6.79
CA VAL A 156 4.60 2.77 -6.37
C VAL A 156 4.67 2.43 -4.90
N ALA A 157 3.52 2.57 -4.27
CA ALA A 157 3.40 2.43 -2.84
C ALA A 157 1.97 1.98 -2.49
N GLY A 158 1.87 1.27 -1.34
CA GLY A 158 0.56 0.89 -0.84
C GLY A 158 0.65 0.15 0.49
N ASP A 159 -0.48 0.22 1.20
CA ASP A 159 -0.63 -0.47 2.47
C ASP A 159 -1.52 -1.69 2.26
N SER A 160 -1.06 -2.84 2.78
CA SER A 160 -1.85 -4.06 2.83
C SER A 160 -2.31 -4.48 1.44
N ALA A 161 -3.65 -4.41 1.15
CA ALA A 161 -4.20 -4.70 -0.18
C ALA A 161 -3.59 -3.76 -1.20
N GLY A 162 -3.29 -2.55 -0.77
CA GLY A 162 -2.64 -1.58 -1.66
C GLY A 162 -1.18 -1.93 -1.93
N GLY A 163 -0.55 -2.58 -0.95
CA GLY A 163 0.80 -3.09 -1.04
C GLY A 163 0.83 -4.25 -2.04
N ASN A 164 -0.24 -5.04 -2.01
CA ASN A 164 -0.41 -6.09 -2.99
C ASN A 164 -0.39 -5.49 -4.39
N LEU A 165 -1.15 -4.40 -4.55
CA LEU A 165 -1.28 -3.77 -5.87
C LEU A 165 0.09 -3.25 -6.28
N ALA A 166 0.79 -2.64 -5.34
CA ALA A 166 2.07 -2.04 -5.65
C ALA A 166 3.06 -3.12 -6.06
N ALA A 167 3.06 -4.26 -5.40
CA ALA A 167 3.98 -5.35 -5.69
C ALA A 167 3.71 -5.98 -7.04
N VAL A 168 2.40 -6.14 -7.41
CA VAL A 168 2.01 -6.76 -8.66
C VAL A 168 2.30 -5.78 -9.81
N VAL A 169 2.01 -4.48 -9.59
CA VAL A 169 2.37 -3.48 -10.60
C VAL A 169 3.88 -3.55 -10.89
N SER A 170 4.70 -3.66 -9.84
CA SER A 170 6.14 -3.72 -10.00
C SER A 170 6.54 -4.97 -10.79
N GLN A 171 5.89 -6.12 -10.50
CA GLN A 171 6.23 -7.35 -11.21
C GLN A 171 5.88 -7.26 -12.68
N ARG A 172 4.81 -6.53 -13.00
CA ARG A 172 4.31 -6.42 -14.38
C ARG A 172 4.97 -5.31 -15.17
N ALA A 173 5.84 -4.56 -14.50
CA ALA A 173 6.30 -3.27 -15.01
C ALA A 173 7.01 -3.40 -16.36
N LYS A 174 7.96 -4.37 -16.41
CA LYS A 174 8.76 -4.46 -17.64
C LYS A 174 7.86 -4.89 -18.80
N ASP A 175 6.96 -5.91 -18.54
CA ASP A 175 6.07 -6.44 -19.57
C ASP A 175 5.16 -5.34 -20.09
N GLU A 176 4.85 -4.38 -19.23
CA GLU A 176 3.91 -3.33 -19.57
C GLU A 176 4.65 -2.05 -19.99
N SER A 177 5.99 -2.16 -20.14
CA SER A 177 6.84 -1.00 -20.50
C SER A 177 6.58 0.16 -19.55
N LEU A 178 6.58 -0.13 -18.25
CA LEU A 178 6.28 0.81 -17.21
C LEU A 178 7.56 1.10 -16.41
N PRO A 179 8.10 2.32 -16.41
CA PRO A 179 9.34 2.59 -15.67
C PRO A 179 9.01 2.84 -14.21
N ILE A 180 9.44 1.92 -13.34
CA ILE A 180 9.25 2.04 -11.89
C ILE A 180 10.62 2.10 -11.22
N ALA A 181 10.85 3.21 -10.49
CA ALA A 181 12.15 3.41 -9.82
C ALA A 181 12.23 2.70 -8.46
N ALA A 182 11.07 2.47 -7.79
CA ALA A 182 11.05 1.76 -6.52
C ALA A 182 9.62 1.37 -6.17
N GLN A 183 9.55 0.48 -5.16
CA GLN A 183 8.28 -0.05 -4.63
C GLN A 183 8.33 0.02 -3.10
N LEU A 184 7.31 0.63 -2.52
CA LEU A 184 7.15 0.80 -1.10
C LEU A 184 5.96 -0.04 -0.60
N LEU A 185 6.23 -1.11 0.13
CA LEU A 185 5.19 -2.04 0.50
C LEU A 185 5.02 -1.96 2.03
N PHE A 186 3.85 -1.48 2.46
CA PHE A 186 3.54 -1.28 3.85
C PHE A 186 2.65 -2.43 4.30
N TYR A 187 3.20 -3.30 5.14
CA TYR A 187 2.56 -4.55 5.59
C TYR A 187 1.67 -5.11 4.48
N PRO A 188 2.26 -5.48 3.31
CA PRO A 188 1.45 -5.94 2.18
C PRO A 188 0.90 -7.36 2.40
N ALA A 189 -0.21 -7.64 1.72
CA ALA A 189 -0.70 -8.98 1.41
C ALA A 189 -0.06 -9.48 0.12
N LEU A 190 0.66 -10.63 0.18
CA LEU A 190 1.40 -11.09 -0.98
C LEU A 190 1.17 -12.54 -1.33
N ASP A 191 0.63 -13.34 -0.39
CA ASP A 191 0.49 -14.78 -0.54
C ASP A 191 -0.89 -15.20 0.00
N MET A 192 -1.77 -15.55 -0.93
CA MET A 192 -3.11 -15.92 -0.57
C MET A 192 -3.23 -17.44 -0.50
N VAL A 193 -2.16 -18.17 -0.83
CA VAL A 193 -2.14 -19.61 -0.88
C VAL A 193 -1.66 -20.12 0.46
N HIS A 194 -0.55 -19.62 0.98
CA HIS A 194 0.09 -20.28 2.12
C HIS A 194 -0.25 -19.67 3.48
N GLU A 195 -0.49 -20.59 4.44
CA GLU A 195 -0.47 -20.30 5.85
C GLU A 195 0.98 -20.05 6.23
N THR A 196 1.25 -19.02 7.02
CA THR A 196 2.59 -18.77 7.59
C THR A 196 2.44 -18.85 9.11
N PRO A 197 3.54 -18.89 9.86
CA PRO A 197 3.45 -18.88 11.32
C PRO A 197 2.74 -17.63 11.87
N SER A 198 3.07 -16.44 11.34
CA SER A 198 2.38 -15.20 11.76
C SER A 198 0.87 -15.23 11.45
N LYS A 199 0.50 -15.77 10.30
CA LYS A 199 -0.89 -15.83 9.91
C LYS A 199 -1.67 -16.76 10.86
N ARG A 200 -1.02 -17.84 11.34
CA ARG A 200 -1.64 -18.74 12.32
C ARG A 200 -1.66 -18.06 13.70
N ASP A 201 -0.53 -17.47 14.14
CA ASP A 201 -0.30 -17.04 15.51
C ASP A 201 -1.04 -15.74 15.85
N PHE A 202 -1.33 -14.88 14.85
CA PHE A 202 -1.95 -13.59 15.09
C PHE A 202 -3.25 -13.52 14.30
N ALA A 203 -3.94 -14.66 14.19
CA ALA A 203 -5.15 -14.80 13.37
C ALA A 203 -6.35 -13.98 13.90
N ARG A 204 -6.38 -13.75 15.23
CA ARG A 204 -7.51 -13.11 15.89
C ARG A 204 -6.98 -12.13 16.93
N GLY A 205 -7.65 -10.98 17.03
CA GLY A 205 -7.39 -10.06 18.13
C GLY A 205 -6.41 -8.91 17.83
N TYR A 206 -5.86 -8.87 16.62
CA TYR A 206 -4.88 -7.84 16.26
C TYR A 206 -5.34 -7.06 15.03
N LEU A 207 -6.65 -6.78 15.02
CA LEU A 207 -7.32 -5.83 14.13
C LEU A 207 -7.62 -6.46 12.77
N LEU A 208 -6.62 -6.97 12.06
CA LEU A 208 -6.84 -7.76 10.85
C LEU A 208 -6.97 -9.22 11.30
N GLU A 209 -8.13 -9.84 11.01
CA GLU A 209 -8.43 -11.20 11.47
C GLU A 209 -8.68 -12.16 10.31
N ALA A 210 -8.42 -13.44 10.56
CA ALA A 210 -8.51 -14.52 9.58
C ALA A 210 -9.89 -14.58 8.92
N ASP A 211 -10.92 -14.37 9.74
CA ASP A 211 -12.30 -14.33 9.28
C ASP A 211 -12.51 -13.26 8.21
N ALA A 212 -12.01 -12.06 8.50
CA ALA A 212 -12.13 -10.97 7.57
C ALA A 212 -11.33 -11.24 6.28
N MET A 213 -10.08 -11.74 6.40
CA MET A 213 -9.24 -12.02 5.25
C MET A 213 -9.93 -13.03 4.32
N GLN A 214 -10.60 -14.01 4.88
CA GLN A 214 -11.32 -15.00 4.11
C GLN A 214 -12.45 -14.29 3.34
N TRP A 215 -13.14 -13.41 4.04
CA TRP A 215 -14.29 -12.70 3.51
C TRP A 215 -13.84 -11.77 2.38
N PHE A 216 -12.71 -11.09 2.60
CA PHE A 216 -12.17 -10.19 1.56
C PHE A 216 -11.93 -10.97 0.29
N GLY A 217 -11.33 -12.16 0.44
CA GLY A 217 -11.06 -13.08 -0.67
C GLY A 217 -12.32 -13.44 -1.42
N GLU A 218 -13.40 -13.73 -0.67
CA GLU A 218 -14.67 -14.08 -1.28
C GLU A 218 -15.22 -12.91 -2.09
N GLN A 219 -14.91 -11.67 -1.74
CA GLN A 219 -15.41 -10.47 -2.40
C GLN A 219 -14.59 -10.12 -3.65
N TYR A 220 -13.29 -10.26 -3.56
CA TYR A 220 -12.31 -9.84 -4.57
C TYR A 220 -12.13 -10.87 -5.68
N LEU A 221 -11.88 -12.12 -5.26
CA LEU A 221 -11.54 -13.19 -6.17
C LEU A 221 -12.80 -13.68 -6.92
N ARG A 222 -12.61 -14.17 -8.15
CA ARG A 222 -13.68 -14.69 -8.93
C ARG A 222 -14.01 -16.09 -8.43
N THR A 223 -13.00 -16.92 -8.29
CA THR A 223 -13.13 -18.32 -7.83
C THR A 223 -12.01 -18.55 -6.83
N PRO A 224 -12.13 -19.59 -5.98
CA PRO A 224 -11.07 -19.88 -5.02
C PRO A 224 -9.72 -20.22 -5.67
N ASP A 225 -9.73 -20.74 -6.92
CA ASP A 225 -8.50 -20.98 -7.66
C ASP A 225 -7.67 -19.72 -7.92
N ASP A 226 -8.27 -18.51 -7.88
CA ASP A 226 -7.52 -17.29 -8.19
C ASP A 226 -6.37 -17.05 -7.21
N VAL A 227 -6.38 -17.72 -6.03
CA VAL A 227 -5.38 -17.48 -5.01
C VAL A 227 -3.99 -17.78 -5.52
N SER A 228 -3.91 -18.70 -6.48
CA SER A 228 -2.62 -19.12 -7.01
C SER A 228 -2.21 -18.31 -8.22
N HIS A 229 -3.00 -17.35 -8.67
CA HIS A 229 -2.63 -16.49 -9.79
C HIS A 229 -1.55 -15.50 -9.36
N PRO A 230 -0.46 -15.34 -10.12
CA PRO A 230 0.62 -14.39 -9.72
C PRO A 230 0.20 -12.93 -9.55
N TRP A 231 -0.92 -12.52 -10.21
CA TRP A 231 -1.42 -11.15 -10.01
C TRP A 231 -2.25 -11.02 -8.74
N ALA A 232 -2.63 -12.14 -8.12
CA ALA A 232 -3.23 -12.19 -6.79
C ALA A 232 -2.16 -12.43 -5.72
N SER A 233 -1.25 -13.38 -6.01
CA SER A 233 -0.25 -13.80 -5.03
C SER A 233 1.14 -13.56 -5.59
N PRO A 234 1.64 -12.32 -5.61
CA PRO A 234 2.96 -12.05 -6.18
C PRO A 234 4.15 -12.75 -5.52
N ALA A 235 4.03 -13.10 -4.26
CA ALA A 235 5.05 -13.89 -3.57
C ALA A 235 5.36 -15.19 -4.31
N LEU A 236 4.45 -15.70 -5.16
CA LEU A 236 4.68 -16.98 -5.82
C LEU A 236 5.50 -16.84 -7.12
N SER A 237 5.86 -15.65 -7.55
CA SER A 237 6.58 -15.50 -8.82
C SER A 237 7.98 -16.08 -8.65
N PRO A 238 8.41 -17.05 -9.47
CA PRO A 238 9.69 -17.71 -9.23
C PRO A 238 10.92 -16.84 -9.52
N ASP A 239 10.75 -15.75 -10.28
CA ASP A 239 11.89 -14.95 -10.71
C ASP A 239 11.67 -13.48 -10.33
N LEU A 240 12.42 -13.00 -9.32
CA LEU A 240 12.26 -11.62 -8.84
C LEU A 240 13.44 -10.76 -9.28
N THR A 241 14.31 -11.31 -10.14
CA THR A 241 15.47 -10.57 -10.61
C THR A 241 15.01 -9.32 -11.37
N GLY A 242 15.72 -8.21 -11.11
CA GLY A 242 15.54 -7.03 -11.92
C GLY A 242 14.30 -6.23 -11.53
N LEU A 243 13.66 -6.59 -10.41
CA LEU A 243 12.51 -5.85 -9.92
C LEU A 243 12.94 -4.53 -9.29
N PRO A 244 12.03 -3.56 -9.13
CA PRO A 244 12.38 -2.28 -8.56
C PRO A 244 12.84 -2.33 -7.12
N PRO A 245 13.85 -1.52 -6.75
CA PRO A 245 14.27 -1.40 -5.36
C PRO A 245 13.08 -1.30 -4.41
N ALA A 246 13.20 -1.98 -3.27
CA ALA A 246 12.04 -2.24 -2.39
C ALA A 246 12.28 -1.85 -0.94
N LEU A 247 11.28 -1.14 -0.41
CA LEU A 247 11.17 -0.98 1.03
C LEU A 247 9.94 -1.78 1.44
N VAL A 248 10.18 -2.73 2.36
CA VAL A 248 9.16 -3.61 2.92
C VAL A 248 9.10 -3.42 4.43
N ILE A 249 8.00 -2.80 4.87
CA ILE A 249 7.75 -2.49 6.27
C ILE A 249 6.72 -3.48 6.74
N THR A 250 7.00 -4.13 7.89
CA THR A 250 6.10 -5.07 8.50
C THR A 250 5.85 -4.63 9.95
N ALA A 251 4.77 -5.20 10.50
CA ALA A 251 4.41 -5.03 11.90
C ALA A 251 4.64 -6.37 12.59
N GLU A 252 5.18 -6.37 13.82
CA GLU A 252 5.52 -7.63 14.48
C GLU A 252 4.28 -8.53 14.67
N TYR A 253 3.14 -7.94 15.01
CA TYR A 253 1.96 -8.70 15.38
C TYR A 253 0.84 -8.58 14.35
N ASP A 254 1.20 -8.91 13.12
CA ASP A 254 0.37 -8.80 11.94
C ASP A 254 0.36 -10.20 11.35
N PRO A 255 -0.82 -10.80 11.08
CA PRO A 255 -0.85 -12.10 10.39
C PRO A 255 -0.02 -12.06 9.09
N LEU A 256 -0.04 -10.91 8.38
CA LEU A 256 0.66 -10.76 7.10
C LEU A 256 2.18 -10.63 7.27
N ARG A 257 2.65 -10.47 8.51
CA ARG A 257 4.09 -10.24 8.75
C ARG A 257 4.99 -11.21 7.96
N ASP A 258 4.82 -12.51 8.18
CA ASP A 258 5.77 -13.48 7.64
C ASP A 258 5.86 -13.42 6.10
N GLU A 259 4.70 -13.30 5.42
CA GLU A 259 4.79 -13.27 3.98
C GLU A 259 5.49 -12.00 3.50
N GLY A 260 5.30 -10.89 4.19
CA GLY A 260 6.01 -9.65 3.87
C GLY A 260 7.53 -9.80 4.01
N GLU A 261 7.99 -10.32 5.15
CA GLU A 261 9.43 -10.54 5.39
C GLU A 261 10.04 -11.57 4.45
N ALA A 262 9.29 -12.64 4.16
CA ALA A 262 9.82 -13.68 3.27
C ALA A 262 10.02 -13.07 1.87
N TYR A 263 9.01 -12.27 1.37
CA TYR A 263 9.14 -11.59 0.10
C TYR A 263 10.36 -10.64 0.07
N ALA A 264 10.62 -9.91 1.17
CA ALA A 264 11.79 -9.04 1.26
C ALA A 264 13.06 -9.86 1.12
N GLU A 265 13.04 -11.03 1.76
CA GLU A 265 14.20 -11.89 1.77
C GLU A 265 14.44 -12.43 0.36
N ALA A 266 13.37 -12.80 -0.32
CA ALA A 266 13.47 -13.32 -1.68
C ALA A 266 13.94 -12.26 -2.64
N LEU A 267 13.43 -11.00 -2.53
CA LEU A 267 13.92 -9.87 -3.33
C LEU A 267 15.42 -9.66 -3.15
N ARG A 268 15.88 -9.68 -1.90
CA ARG A 268 17.29 -9.44 -1.53
C ARG A 268 18.19 -10.52 -2.14
N ALA A 269 17.77 -11.80 -2.05
CA ALA A 269 18.48 -12.91 -2.65
C ALA A 269 18.45 -12.85 -4.18
N ALA A 270 17.46 -12.15 -4.78
CA ALA A 270 17.38 -11.97 -6.22
C ALA A 270 18.21 -10.74 -6.69
N GLY A 271 18.96 -10.12 -5.77
CA GLY A 271 19.83 -9.00 -6.10
C GLY A 271 19.10 -7.66 -6.20
N VAL A 272 17.81 -7.63 -5.82
CA VAL A 272 17.05 -6.38 -5.75
C VAL A 272 17.46 -5.60 -4.51
N PRO A 273 17.85 -4.31 -4.65
CA PRO A 273 18.13 -3.44 -3.49
C PRO A 273 16.90 -3.38 -2.59
N THR A 274 17.03 -3.85 -1.35
CA THR A 274 15.87 -4.12 -0.51
C THR A 274 16.15 -3.57 0.89
N GLU A 275 15.27 -2.80 1.46
CA GLU A 275 15.35 -2.53 2.89
C GLU A 275 14.10 -3.12 3.57
N GLN A 276 14.33 -3.89 4.63
CA GLN A 276 13.26 -4.57 5.32
C GLN A 276 13.28 -4.05 6.75
N ILE A 277 12.14 -3.53 7.17
CA ILE A 277 11.97 -2.99 8.53
C ILE A 277 10.74 -3.62 9.20
N ARG A 278 10.97 -4.35 10.30
CA ARG A 278 9.89 -4.75 11.19
C ARG A 278 9.74 -3.70 12.32
N PHE A 279 8.55 -3.14 12.45
CA PHE A 279 8.22 -2.31 13.61
C PHE A 279 7.72 -3.23 14.72
N ASP A 280 8.58 -3.39 15.73
CA ASP A 280 8.34 -4.19 16.91
C ASP A 280 7.21 -3.61 17.74
N GLY A 281 6.44 -4.51 18.31
CA GLY A 281 5.35 -4.10 19.16
C GLY A 281 4.12 -3.64 18.42
N MET A 282 4.18 -3.55 17.06
CA MET A 282 3.13 -2.86 16.31
C MET A 282 2.16 -3.89 15.71
N ILE A 283 1.02 -3.38 15.25
CA ILE A 283 -0.01 -4.15 14.58
C ILE A 283 -0.22 -3.71 13.14
N HIS A 284 -0.91 -4.57 12.40
CA HIS A 284 -1.32 -4.26 11.05
C HIS A 284 -2.02 -2.90 11.08
N GLY A 285 -1.74 -2.06 10.07
CA GLY A 285 -2.54 -0.86 9.85
C GLY A 285 -1.91 0.38 10.47
N PHE A 286 -0.74 0.27 11.14
CA PHE A 286 -0.29 1.34 12.02
C PHE A 286 0.09 2.58 11.22
N MET A 287 0.27 2.45 9.88
CA MET A 287 0.74 3.62 9.11
C MET A 287 -0.42 4.50 8.63
N THR A 288 -1.64 4.13 8.98
CA THR A 288 -2.79 4.98 8.86
C THR A 288 -3.43 5.20 10.25
N MET A 289 -2.64 5.07 11.31
CA MET A 289 -3.16 5.27 12.67
C MET A 289 -2.27 6.26 13.44
N PRO A 290 -2.53 7.59 13.23
CA PRO A 290 -1.60 8.63 13.64
C PRO A 290 -1.57 8.80 15.15
N ILE A 291 -2.40 8.03 15.90
CA ILE A 291 -2.27 7.92 17.34
C ILE A 291 -0.97 7.20 17.74
N PHE A 292 -0.31 6.51 16.82
CA PHE A 292 0.93 5.83 17.11
C PHE A 292 2.10 6.63 16.54
N PRO A 293 3.09 7.08 17.34
CA PRO A 293 4.28 7.74 16.78
C PRO A 293 5.02 6.94 15.71
N GLN A 294 4.84 5.61 15.72
CA GLN A 294 5.52 4.74 14.79
C GLN A 294 5.09 5.04 13.35
N MET A 295 3.88 5.55 13.15
CA MET A 295 3.45 5.91 11.82
C MET A 295 4.41 6.94 11.22
N GLU A 296 4.70 8.05 11.92
CA GLU A 296 5.67 9.05 11.46
C GLU A 296 7.08 8.48 11.37
N ALA A 297 7.47 7.56 12.24
CA ALA A 297 8.79 6.96 12.14
C ALA A 297 8.94 6.19 10.82
N ALA A 298 7.87 5.44 10.44
CA ALA A 298 7.83 4.69 9.20
C ALA A 298 7.81 5.65 7.99
N ILE A 299 7.15 6.80 8.13
CA ILE A 299 7.16 7.79 7.02
C ILE A 299 8.59 8.39 6.86
N GLU A 300 9.31 8.54 7.98
CA GLU A 300 10.70 8.97 7.94
C GLU A 300 11.53 7.91 7.24
N ALA A 301 11.21 6.65 7.53
CA ALA A 301 11.91 5.52 6.89
C ALA A 301 11.78 5.65 5.36
N VAL A 302 10.58 5.99 4.91
CA VAL A 302 10.32 6.13 3.50
C VAL A 302 11.22 7.23 2.93
N ALA A 303 11.27 8.40 3.59
CA ALA A 303 12.06 9.51 3.07
C ALA A 303 13.54 9.15 2.98
N ARG A 304 14.09 8.44 4.00
CA ARG A 304 15.50 8.03 4.03
C ARG A 304 15.81 7.00 2.92
N PHE A 305 14.85 6.08 2.71
CA PHE A 305 15.00 5.08 1.68
C PHE A 305 15.06 5.75 0.30
N LEU A 306 14.11 6.68 0.08
CA LEU A 306 13.98 7.35 -1.19
C LEU A 306 15.18 8.25 -1.47
N GLU A 307 15.88 8.66 -0.42
CA GLU A 307 17.11 9.43 -0.61
C GLU A 307 18.17 8.59 -1.31
N ARG A 308 18.07 7.28 -1.24
CA ARG A 308 19.11 6.39 -1.77
C ARG A 308 18.80 6.07 -3.21
N ILE A 309 17.58 6.38 -3.68
CA ILE A 309 17.15 6.07 -5.04
C ILE A 309 17.71 7.15 -5.94
N ASP A 310 18.14 6.73 -7.13
CA ASP A 310 18.39 7.66 -8.21
C ASP A 310 17.12 7.83 -9.08
C1 R3O B . -5.90 -7.31 3.37
O1 R3O B . -6.15 -8.17 2.24
C2 R3O B . -6.27 -9.45 2.55
O2 R3O B . -6.06 -9.89 3.65
C3 R3O B . -6.79 -10.24 1.39
C4 R3O B . -7.80 -9.65 0.62
C5 R3O B . -8.37 -10.36 -0.42
C6 R3O B . -7.94 -11.63 -0.70
C7 R3O B . -6.96 -12.22 0.07
C8 R3O B . -6.35 -11.54 1.12
C9 R3O B . -5.24 -12.29 1.87
O3 R3O B . -5.48 -13.46 2.27
O4 R3O B . -4.11 -11.70 2.02
H3 R3O B . -5.85 -6.40 3.07
H1 R3O B . -5.06 -7.56 3.80
H2 R3O B . -6.63 -7.42 4.00
H4 R3O B . -8.11 -8.80 0.84
H5 R3O B . -9.06 -9.96 -0.94
H6 R3O B . -8.31 -12.10 -1.42
H7 R3O B . -6.65 -13.08 -0.16
C1 EDO C . -13.03 -17.59 -1.82
O1 EDO C . -11.78 -18.23 -1.71
C2 EDO C . -13.18 -17.04 -3.20
O2 EDO C . -14.42 -17.33 -3.76
H11 EDO C . -13.08 -16.87 -1.16
H12 EDO C . -13.74 -18.24 -1.65
HO1 EDO C . -11.65 -18.55 -0.95
H21 EDO C . -12.48 -17.40 -3.77
H22 EDO C . -13.08 -16.07 -3.15
HO2 EDO C . -15.05 -16.71 -3.46
C1 EDO D . 19.66 -0.26 1.21
O1 EDO D . 19.78 -1.37 2.13
C2 EDO D . 18.29 -0.11 0.66
O2 EDO D . 18.26 0.47 -0.59
H11 EDO D . 20.29 -0.39 0.46
H12 EDO D . 19.91 0.57 1.67
HO1 EDO D . 20.58 -1.38 2.41
H21 EDO D . 17.75 0.43 1.27
H22 EDO D . 17.88 -0.99 0.60
HO2 EDO D . 18.77 1.17 -0.59
C1 R3O E . -6.01 -5.81 5.79
O1 R3O E . -5.38 -4.72 5.08
C2 R3O E . -6.15 -4.05 4.36
O2 R3O E . -5.88 -3.92 3.19
C3 R3O E . -7.26 -3.42 5.19
C4 R3O E . -8.41 -4.20 5.39
C5 R3O E . -9.51 -3.72 6.09
C6 R3O E . -9.43 -2.48 6.69
C7 R3O E . -8.29 -1.70 6.54
C8 R3O E . -7.18 -2.14 5.82
C9 R3O E . -6.01 -1.15 5.78
O3 R3O E . -6.24 0.11 5.85
O4 R3O E . -4.87 -1.63 5.71
H3 R3O E . -5.38 -6.55 5.88
H1 R3O E . -6.80 -6.12 5.30
H2 R3O E . -6.27 -5.51 6.67
H4 R3O E . -8.48 -5.03 4.96
H5 R3O E . -10.28 -4.25 6.19
H6 R3O E . -10.17 -2.16 7.20
H7 R3O E . -8.26 -0.87 6.96
C1 EDO F . 7.17 -13.30 19.68
O1 EDO F . 6.67 -12.76 20.91
C2 EDO F . 6.09 -13.45 18.66
O2 EDO F . 4.93 -14.17 19.13
H11 EDO F . 7.58 -14.18 19.86
H12 EDO F . 7.87 -12.70 19.34
HO1 EDO F . 7.19 -12.73 21.46
H21 EDO F . 6.44 -13.92 17.88
H22 EDO F . 5.78 -12.56 18.38
HO2 EDO F . 4.68 -13.83 19.89
C1 EDO G . 12.92 -9.57 11.10
O1 EDO G . 12.83 -10.72 10.32
C2 EDO G . 13.54 -9.96 12.38
O2 EDO G . 12.92 -9.38 13.47
H11 EDO G . 12.03 -9.19 11.26
H12 EDO G . 13.48 -8.89 10.66
HO1 EDO G . 12.53 -10.61 9.47
H21 EDO G . 14.49 -9.70 12.36
H22 EDO G . 13.51 -10.93 12.45
HO2 EDO G . 12.90 -8.48 13.36
C1 EDO H . -9.15 -7.63 -16.43
O1 EDO H . -10.02 -7.98 -17.50
C2 EDO H . -7.73 -7.36 -16.84
O2 EDO H . -7.60 -6.25 -17.72
H11 EDO H . -9.15 -8.35 -15.77
H12 EDO H . -9.50 -6.82 -15.98
HO1 EDO H . -10.75 -8.14 -17.23
H21 EDO H . -7.36 -8.16 -17.27
H22 EDO H . -7.19 -7.18 -16.03
HO2 EDO H . -8.18 -6.34 -18.36
C1 EDO I . 3.48 6.72 22.72
O1 EDO I . 2.97 5.57 22.00
C2 EDO I . 2.56 7.91 22.87
O2 EDO I . 1.33 7.78 22.18
H11 EDO I . 4.29 7.02 22.25
H12 EDO I . 3.74 6.42 23.61
HO1 EDO I . 3.52 4.94 21.98
H21 EDO I . 3.01 8.71 22.54
H22 EDO I . 2.37 8.03 23.83
HO2 EDO I . 1.48 7.58 21.34
C1 EDO J . -7.46 4.03 9.51
O1 EDO J . -7.19 5.44 9.58
C2 EDO J . -7.62 3.49 8.11
O2 EDO J . -6.84 4.09 7.05
H11 EDO J . -8.29 3.84 10.02
H12 EDO J . -6.73 3.54 9.96
HO1 EDO J . -6.99 5.65 10.38
H21 EDO J . -8.57 3.57 7.86
H22 EDO J . -7.41 2.53 8.14
HO2 EDO J . -6.80 4.94 7.17
C1 R3O K . -14.28 9.02 -1.58
O1 R3O K . -13.25 9.42 -2.53
C2 R3O K . -12.73 10.67 -2.42
O2 R3O K . -12.70 11.27 -1.36
C3 R3O K . -12.20 11.23 -3.71
C4 R3O K . -11.27 12.27 -3.66
C5 R3O K . -10.74 12.84 -4.83
C6 R3O K . -11.11 12.36 -6.06
C7 R3O K . -12.06 11.36 -6.11
C8 R3O K . -12.64 10.78 -4.97
C9 R3O K . -13.62 9.61 -5.17
O3 R3O K . -14.90 9.83 -5.11
O4 R3O K . -13.12 8.43 -5.33
H3 R3O K . -14.47 8.07 -1.69
H1 R3O K . -15.10 9.53 -1.75
H2 R3O K . -13.98 9.19 -0.68
H4 R3O K . -10.98 12.59 -2.83
H5 R3O K . -10.11 13.53 -4.76
H6 R3O K . -10.79 12.76 -6.84
H7 R3O K . -12.32 11.05 -6.95
#